data_8ATE
#
_entry.id   8ATE
#
_cell.length_a   101.653
_cell.length_b   101.653
_cell.length_c   108.746
_cell.angle_alpha   90.00
_cell.angle_beta   90.00
_cell.angle_gamma   120.00
#
_symmetry.space_group_name_H-M   'P 32 2 1'
#
loop_
_entity.id
_entity.type
_entity.pdbx_description
1 polymer 'FAD-binding PCMH-type domain-containing protein'
2 non-polymer 'FLAVIN-ADENINE DINUCLEOTIDE'
3 non-polymer 2-acetamido-2-deoxy-beta-D-glucopyranose
4 non-polymer 'CHLORIDE ION'
5 non-polymer 'IODIDE ION'
6 non-polymer 'SODIUM ION'
7 non-polymer GLYCEROL
8 non-polymer DI(HYDROXYETHYL)ETHER
9 water water
#
_entity_poly.entity_id   1
_entity_poly.type   'polypeptide(L)'
_entity_poly.pdbx_seq_one_letter_code
;TSVSVHENFIQCLLSHSQPSHPISPAIFTPQNSSFSSVLQAQIRNLRFNSTSTPKPFLIITALHESHIQAAIICARKHGL
QMKIRSGGHDYEGLSYVSHVPFFVLDMFNLHSVDVDIETETAWVQTGATLGEVYYRISEKSKTHGFPAGVCPTVGVGGHI
GGGGYGNMMRKYGLTVDNIVDAKLVDVSGRLLDRKSMGEDLFWAIRGGGGASFGVVLAYRIKLVRVPETVTVFQVRKTLE
QNATEIVYRWQQVASKQLPDDLFVRLILDVVNGTKSGTKTVRASFLSLFLGDSNRLLSIMNESFPELGLAQSDCIETSWI
RSVLFWTNFQIDDPLNILLNRTPPTLTFLKRKSDYVKQPIPKNGLEFIWKRMIELETPQMIFNPYGGKMAEIPSTATPFP
HRAGNLWKIQYVTNWNEPGTDAANRYLNLTRKLYGYMTPFVSKNPRQAFFNYRDIDLGINHNGKASFEEAKAYGIKYFLG
NFNRLVKIKTKVDPGNFFRNEQSIPVLPF
;
_entity_poly.pdbx_strand_id   A
#
loop_
_chem_comp.id
_chem_comp.type
_chem_comp.name
_chem_comp.formula
CL non-polymer 'CHLORIDE ION' 'Cl -1'
FAD non-polymer 'FLAVIN-ADENINE DINUCLEOTIDE' 'C27 H33 N9 O15 P2'
GOL non-polymer GLYCEROL 'C3 H8 O3'
IOD non-polymer 'IODIDE ION' 'I -1'
NA non-polymer 'SODIUM ION' 'Na 1'
NAG D-saccharide, beta linking 2-acetamido-2-deoxy-beta-D-glucopyranose 'C8 H15 N O6'
PEG non-polymer DI(HYDROXYETHYL)ETHER 'C4 H10 O3'
#
# COMPACT_ATOMS: atom_id res chain seq x y z
N HIS A 6 -9.35 -23.14 22.94
CA HIS A 6 -9.08 -23.13 21.47
C HIS A 6 -8.50 -24.49 21.00
N GLU A 7 -8.64 -25.55 21.80
CA GLU A 7 -7.99 -26.87 21.54
C GLU A 7 -8.84 -27.71 20.58
N ASN A 8 -10.13 -27.40 20.46
CA ASN A 8 -11.06 -28.03 19.49
C ASN A 8 -10.73 -27.48 18.11
N PHE A 9 -10.36 -26.20 18.05
CA PHE A 9 -9.89 -25.50 16.84
C PHE A 9 -8.53 -26.08 16.41
N ILE A 10 -7.55 -26.12 17.34
CA ILE A 10 -6.20 -26.71 17.09
C ILE A 10 -6.36 -28.15 16.62
N GLN A 11 -7.38 -28.86 17.13
CA GLN A 11 -7.64 -30.29 16.80
C GLN A 11 -8.28 -30.38 15.42
N CYS A 12 -9.21 -29.46 15.11
CA CYS A 12 -9.84 -29.34 13.77
C CYS A 12 -8.73 -29.12 12.71
N LEU A 13 -7.72 -28.31 13.05
CA LEU A 13 -6.62 -27.95 12.13
C LEU A 13 -5.82 -29.23 11.81
N LEU A 14 -5.30 -29.89 12.84
CA LEU A 14 -4.60 -31.20 12.69
C LEU A 14 -5.55 -32.18 11.98
N SER A 15 -6.80 -32.25 12.40
CA SER A 15 -7.86 -33.11 11.80
C SER A 15 -7.93 -32.92 10.28
N HIS A 16 -7.71 -31.70 9.77
CA HIS A 16 -7.87 -31.31 8.34
C HIS A 16 -6.53 -31.34 7.58
N SER A 17 -5.41 -31.57 8.27
CA SER A 17 -4.04 -31.73 7.69
C SER A 17 -4.02 -32.77 6.57
N GLN A 18 -3.58 -32.37 5.37
CA GLN A 18 -3.17 -33.29 4.26
C GLN A 18 -1.80 -33.87 4.60
N PRO A 19 -1.60 -35.22 4.51
CA PRO A 19 -0.35 -35.85 4.94
C PRO A 19 0.87 -35.51 4.05
N SER A 20 0.63 -35.04 2.82
CA SER A 20 1.69 -34.59 1.89
C SER A 20 2.35 -33.29 2.39
N HIS A 21 1.61 -32.43 3.10
CA HIS A 21 2.08 -31.10 3.61
C HIS A 21 1.62 -30.90 5.06
N PRO A 22 2.31 -31.52 6.06
CA PRO A 22 1.81 -31.56 7.43
C PRO A 22 1.61 -30.18 8.08
N ILE A 23 0.45 -29.95 8.69
CA ILE A 23 0.10 -28.60 9.22
C ILE A 23 0.85 -28.30 10.52
N SER A 24 1.36 -29.29 11.25
CA SER A 24 1.89 -29.11 12.64
C SER A 24 3.08 -28.14 12.67
N PRO A 25 4.06 -28.25 11.74
CA PRO A 25 5.19 -27.34 11.74
C PRO A 25 4.82 -25.88 11.43
N ALA A 26 3.58 -25.65 10.97
CA ALA A 26 3.01 -24.32 10.61
C ALA A 26 2.23 -23.69 11.77
N ILE A 27 1.94 -24.46 12.83
CA ILE A 27 1.13 -23.95 13.97
C ILE A 27 2.08 -23.50 15.09
N PHE A 28 1.95 -22.24 15.50
CA PHE A 28 2.71 -21.62 16.61
C PHE A 28 1.67 -21.07 17.59
N THR A 29 1.79 -21.49 18.84
CA THR A 29 1.09 -20.93 20.01
C THR A 29 2.16 -20.35 20.91
N PRO A 30 1.79 -19.59 21.96
CA PRO A 30 2.79 -18.94 22.81
C PRO A 30 3.67 -19.94 23.59
N GLN A 31 3.21 -21.19 23.74
CA GLN A 31 3.99 -22.26 24.40
C GLN A 31 5.20 -22.66 23.53
N ASN A 32 5.19 -22.40 22.21
CA ASN A 32 6.41 -22.52 21.36
C ASN A 32 7.24 -21.26 21.63
N SER A 33 8.55 -21.39 21.86
CA SER A 33 9.41 -20.23 22.18
C SER A 33 9.66 -19.42 20.90
N SER A 34 9.24 -19.98 19.74
CA SER A 34 9.29 -19.36 18.39
C SER A 34 8.32 -18.17 18.31
N PHE A 35 7.19 -18.30 19.00
CA PHE A 35 5.91 -17.60 18.76
C PHE A 35 6.14 -16.11 18.61
N SER A 36 6.83 -15.49 19.59
CA SER A 36 7.12 -14.04 19.70
C SER A 36 7.81 -13.51 18.43
N SER A 37 8.86 -14.19 17.95
CA SER A 37 9.63 -13.69 16.79
C SER A 37 8.82 -13.90 15.50
N VAL A 38 8.04 -14.97 15.43
CA VAL A 38 7.12 -15.23 14.27
C VAL A 38 6.07 -14.12 14.19
N LEU A 39 5.48 -13.74 15.32
CA LEU A 39 4.53 -12.61 15.38
C LEU A 39 5.28 -11.34 14.97
N GLN A 40 6.48 -11.16 15.50
CA GLN A 40 7.25 -9.90 15.36
C GLN A 40 7.84 -9.77 13.96
N ALA A 41 8.02 -10.86 13.21
CA ALA A 41 8.87 -10.89 11.98
C ALA A 41 8.26 -9.96 10.92
N GLN A 42 6.93 -9.93 10.84
CA GLN A 42 6.22 -9.17 9.79
C GLN A 42 5.58 -7.90 10.37
N ILE A 43 6.01 -7.44 11.54
CA ILE A 43 5.52 -6.16 12.14
C ILE A 43 6.29 -4.98 11.52
N ARG A 44 5.56 -4.01 10.99
CA ARG A 44 6.17 -2.90 10.22
C ARG A 44 5.73 -1.58 10.85
N ASN A 45 4.93 -1.62 11.89
CA ASN A 45 4.58 -0.42 12.70
C ASN A 45 4.82 -0.77 14.18
N LEU A 46 5.84 -0.17 14.78
CA LEU A 46 6.25 -0.45 16.19
C LEU A 46 5.13 -0.06 17.17
N ARG A 47 4.19 0.82 16.78
CA ARG A 47 2.98 1.10 17.60
C ARG A 47 2.27 -0.19 18.01
N PHE A 48 2.30 -1.20 17.15
CA PHE A 48 1.55 -2.47 17.31
C PHE A 48 2.52 -3.59 17.71
N ASN A 49 3.65 -3.22 18.28
CA ASN A 49 4.52 -4.22 18.94
C ASN A 49 4.65 -3.95 20.44
N SER A 50 3.86 -3.05 21.01
CA SER A 50 3.90 -2.75 22.46
C SER A 50 3.33 -3.96 23.22
N THR A 51 3.79 -4.14 24.45
CA THR A 51 3.28 -5.17 25.40
C THR A 51 1.75 -5.03 25.46
N SER A 52 1.22 -3.81 25.44
CA SER A 52 -0.25 -3.58 25.57
C SER A 52 -1.01 -3.89 24.27
N THR A 53 -0.32 -4.09 23.13
CA THR A 53 -0.97 -4.50 21.85
C THR A 53 -1.49 -5.92 21.98
N PRO A 54 -2.78 -6.17 21.67
CA PRO A 54 -3.37 -7.52 21.67
C PRO A 54 -2.66 -8.53 20.76
N LYS A 55 -2.32 -9.69 21.32
CA LYS A 55 -1.54 -10.75 20.64
C LYS A 55 -2.52 -11.81 20.17
N PRO A 56 -2.25 -12.45 19.02
CA PRO A 56 -3.09 -13.55 18.57
C PRO A 56 -2.77 -14.72 19.52
N PHE A 57 -3.67 -15.69 19.65
CA PHE A 57 -3.46 -16.86 20.54
C PHE A 57 -2.70 -17.93 19.75
N LEU A 58 -2.62 -17.74 18.44
CA LEU A 58 -2.03 -18.74 17.52
C LEU A 58 -1.61 -18.07 16.20
N ILE A 59 -0.55 -18.57 15.57
CA ILE A 59 -0.13 -18.15 14.20
C ILE A 59 0.02 -19.40 13.38
N ILE A 60 -0.69 -19.50 12.27
CA ILE A 60 -0.42 -20.50 11.21
C ILE A 60 0.46 -19.81 10.17
N THR A 61 1.70 -20.27 10.00
CA THR A 61 2.60 -19.87 8.89
C THR A 61 2.34 -20.80 7.72
N ALA A 62 1.27 -20.58 6.96
CA ALA A 62 0.79 -21.44 5.87
C ALA A 62 1.98 -21.85 4.99
N LEU A 63 2.15 -23.17 4.76
CA LEU A 63 3.27 -23.71 3.93
C LEU A 63 2.68 -24.28 2.65
N HIS A 64 1.36 -24.37 2.57
CA HIS A 64 0.64 -25.01 1.43
C HIS A 64 -0.80 -24.50 1.40
N GLU A 65 -1.44 -24.59 0.25
CA GLU A 65 -2.83 -24.12 0.02
C GLU A 65 -3.74 -24.81 1.06
N SER A 66 -3.36 -26.01 1.52
CA SER A 66 -4.18 -26.86 2.42
C SER A 66 -4.23 -26.23 3.81
N HIS A 67 -3.16 -25.54 4.23
CA HIS A 67 -3.08 -24.87 5.55
C HIS A 67 -4.10 -23.72 5.61
N ILE A 68 -4.25 -22.99 4.49
CA ILE A 68 -5.23 -21.89 4.32
C ILE A 68 -6.65 -22.48 4.38
N GLN A 69 -6.91 -23.52 3.58
CA GLN A 69 -8.21 -24.24 3.53
C GLN A 69 -8.59 -24.69 4.93
N ALA A 70 -7.67 -25.34 5.64
CA ALA A 70 -7.87 -25.81 7.03
C ALA A 70 -8.31 -24.62 7.88
N ALA A 71 -7.49 -23.57 7.90
CA ALA A 71 -7.64 -22.43 8.83
C ALA A 71 -8.98 -21.76 8.60
N ILE A 72 -9.38 -21.64 7.33
CA ILE A 72 -10.68 -21.03 6.94
C ILE A 72 -11.80 -21.92 7.48
N ILE A 73 -11.75 -23.21 7.20
CA ILE A 73 -12.88 -24.14 7.49
C ILE A 73 -13.05 -24.25 9.00
N CYS A 74 -11.94 -24.39 9.72
CA CYS A 74 -11.91 -24.59 11.19
C CYS A 74 -12.33 -23.31 11.90
N ALA A 75 -11.68 -22.18 11.56
CA ALA A 75 -11.98 -20.85 12.15
C ALA A 75 -13.46 -20.55 11.96
N ARG A 76 -14.05 -21.06 10.89
CA ARG A 76 -15.43 -20.68 10.45
C ARG A 76 -16.41 -21.43 11.35
N LYS A 77 -16.34 -22.77 11.41
CA LYS A 77 -17.26 -23.59 12.23
C LYS A 77 -17.01 -23.34 13.73
N HIS A 78 -15.81 -22.89 14.12
CA HIS A 78 -15.47 -22.50 15.52
C HIS A 78 -15.66 -20.98 15.75
N GLY A 79 -16.21 -20.23 14.78
CA GLY A 79 -16.55 -18.80 14.93
C GLY A 79 -15.35 -17.93 15.31
N LEU A 80 -14.15 -18.25 14.83
CA LEU A 80 -12.93 -17.54 15.28
C LEU A 80 -12.57 -16.43 14.28
N GLN A 81 -12.07 -15.31 14.80
CA GLN A 81 -11.52 -14.18 14.04
C GLN A 81 -10.16 -14.61 13.49
N MET A 82 -10.04 -14.65 12.17
CA MET A 82 -8.75 -14.85 11.44
C MET A 82 -8.26 -13.51 10.90
N LYS A 83 -6.98 -13.18 11.11
CA LYS A 83 -6.32 -12.04 10.45
C LYS A 83 -5.33 -12.61 9.44
N ILE A 84 -5.45 -12.21 8.18
CA ILE A 84 -4.54 -12.67 7.10
C ILE A 84 -3.39 -11.67 7.06
N ARG A 85 -2.16 -12.18 7.04
CA ARG A 85 -0.96 -11.34 6.98
C ARG A 85 0.00 -11.84 5.89
N SER A 86 0.43 -10.94 5.00
CA SER A 86 1.48 -11.29 4.00
C SER A 86 2.77 -10.54 4.35
N GLY A 87 2.82 -9.24 4.12
CA GLY A 87 4.06 -8.48 4.37
C GLY A 87 3.97 -7.68 5.64
N GLY A 88 2.78 -7.67 6.25
CA GLY A 88 2.54 -7.03 7.55
C GLY A 88 2.69 -5.52 7.52
N HIS A 89 2.57 -4.88 6.35
CA HIS A 89 2.79 -3.42 6.23
C HIS A 89 1.56 -2.62 6.63
N ASP A 90 0.41 -3.27 6.80
CA ASP A 90 -0.83 -2.56 7.21
C ASP A 90 -0.45 -1.47 8.20
N TYR A 91 -0.72 -0.23 7.85
CA TYR A 91 -0.43 0.95 8.68
C TYR A 91 -1.17 0.90 10.02
N GLU A 92 -2.27 0.15 10.11
CA GLU A 92 -3.06 0.01 11.35
C GLU A 92 -2.82 -1.35 12.02
N GLY A 93 -1.84 -2.12 11.56
CA GLY A 93 -1.60 -3.51 12.03
C GLY A 93 -2.81 -4.44 11.93
N LEU A 94 -3.78 -4.22 11.05
CA LEU A 94 -5.01 -5.06 11.01
C LEU A 94 -4.69 -6.50 10.57
N SER A 95 -3.50 -6.73 10.05
CA SER A 95 -3.06 -8.10 9.65
C SER A 95 -2.66 -8.92 10.88
N TYR A 96 -2.34 -8.29 12.02
CA TYR A 96 -1.78 -9.02 13.21
C TYR A 96 -2.29 -8.50 14.56
N VAL A 97 -3.33 -7.68 14.57
CA VAL A 97 -3.91 -7.04 15.77
C VAL A 97 -5.43 -7.13 15.66
N SER A 98 -6.07 -7.35 16.80
CA SER A 98 -7.53 -7.51 16.90
C SER A 98 -7.88 -7.38 18.38
N HIS A 99 -9.08 -6.88 18.69
CA HIS A 99 -9.54 -6.62 20.08
C HIS A 99 -10.45 -7.76 20.54
N VAL A 100 -10.83 -8.66 19.63
CA VAL A 100 -11.42 -9.99 19.98
C VAL A 100 -10.31 -11.02 19.93
N PRO A 101 -10.45 -12.20 20.57
CA PRO A 101 -9.44 -13.25 20.44
C PRO A 101 -9.31 -13.56 18.95
N PHE A 102 -8.10 -13.81 18.47
CA PHE A 102 -7.86 -14.01 17.02
C PHE A 102 -6.55 -14.77 16.80
N PHE A 103 -6.47 -15.45 15.65
CA PHE A 103 -5.20 -16.01 15.13
C PHE A 103 -4.87 -15.33 13.80
N VAL A 104 -3.58 -15.32 13.50
CA VAL A 104 -3.03 -14.76 12.24
C VAL A 104 -2.73 -15.89 11.27
N LEU A 105 -3.24 -15.80 10.05
CA LEU A 105 -2.78 -16.67 8.95
C LEU A 105 -1.68 -15.90 8.20
N ASP A 106 -0.44 -16.35 8.39
CA ASP A 106 0.80 -15.69 7.92
C ASP A 106 1.16 -16.37 6.60
N MET A 107 1.36 -15.58 5.57
CA MET A 107 1.44 -16.11 4.20
C MET A 107 2.87 -16.09 3.68
N PHE A 108 3.83 -15.62 4.46
CA PHE A 108 5.21 -15.31 4.01
C PHE A 108 5.91 -16.53 3.39
N ASN A 109 5.58 -17.76 3.80
CA ASN A 109 6.23 -18.99 3.24
C ASN A 109 5.68 -19.29 1.84
N LEU A 110 4.53 -18.72 1.49
CA LEU A 110 3.96 -18.83 0.12
C LEU A 110 4.40 -17.59 -0.67
N HIS A 111 5.63 -17.62 -1.19
CA HIS A 111 6.28 -16.45 -1.85
C HIS A 111 6.84 -16.84 -3.22
N SER A 112 6.24 -17.83 -3.87
CA SER A 112 6.69 -18.25 -5.22
C SER A 112 6.42 -17.11 -6.20
N VAL A 113 7.44 -16.83 -6.98
CA VAL A 113 7.37 -15.84 -8.09
C VAL A 113 7.84 -16.59 -9.33
N ASP A 114 6.92 -16.85 -10.27
CA ASP A 114 7.17 -17.60 -11.53
C ASP A 114 6.99 -16.62 -12.69
N VAL A 115 8.10 -16.05 -13.11
CA VAL A 115 8.17 -15.02 -14.19
C VAL A 115 8.14 -15.75 -15.54
N ASP A 116 7.21 -15.35 -16.41
CA ASP A 116 7.12 -15.81 -17.81
C ASP A 116 7.27 -14.60 -18.74
N ILE A 117 8.48 -14.36 -19.20
CA ILE A 117 8.76 -13.20 -20.10
C ILE A 117 8.04 -13.37 -21.46
N GLU A 118 7.86 -14.60 -21.95
CA GLU A 118 7.16 -14.92 -23.23
C GLU A 118 5.76 -14.29 -23.26
N THR A 119 4.97 -14.51 -22.21
CA THR A 119 3.57 -14.02 -22.09
C THR A 119 3.55 -12.69 -21.34
N GLU A 120 4.72 -12.17 -20.94
CA GLU A 120 4.87 -10.98 -20.04
C GLU A 120 3.90 -11.12 -18.87
N THR A 121 4.00 -12.20 -18.12
CA THR A 121 3.13 -12.47 -16.97
C THR A 121 3.99 -13.12 -15.89
N ALA A 122 3.42 -13.25 -14.71
CA ALA A 122 4.14 -13.82 -13.55
C ALA A 122 3.08 -14.22 -12.55
N TRP A 123 3.17 -15.46 -12.08
CA TRP A 123 2.34 -16.00 -11.00
C TRP A 123 3.06 -15.68 -9.72
N VAL A 124 2.41 -14.85 -8.91
CA VAL A 124 3.08 -14.30 -7.72
C VAL A 124 2.18 -14.67 -6.55
N GLN A 125 2.76 -15.45 -5.64
CA GLN A 125 2.08 -15.80 -4.39
C GLN A 125 2.08 -14.55 -3.51
N THR A 126 1.01 -14.42 -2.73
CA THR A 126 0.67 -13.19 -1.99
C THR A 126 1.65 -12.96 -0.86
N GLY A 127 2.38 -14.02 -0.47
CA GLY A 127 3.39 -13.96 0.58
C GLY A 127 4.67 -13.35 0.06
N ALA A 128 4.82 -13.23 -1.25
CA ALA A 128 5.99 -12.59 -1.88
C ALA A 128 5.99 -11.10 -1.52
N THR A 129 7.16 -10.51 -1.54
CA THR A 129 7.29 -9.05 -1.35
C THR A 129 7.44 -8.43 -2.74
N LEU A 130 7.21 -7.12 -2.83
CA LEU A 130 7.39 -6.37 -4.08
C LEU A 130 8.84 -6.54 -4.50
N GLY A 131 9.79 -6.48 -3.56
CA GLY A 131 11.22 -6.61 -3.89
C GLY A 131 11.53 -7.96 -4.51
N GLU A 132 10.95 -9.05 -3.98
CA GLU A 132 11.13 -10.40 -4.56
C GLU A 132 10.58 -10.39 -5.98
N VAL A 133 9.39 -9.84 -6.18
CA VAL A 133 8.78 -9.79 -7.54
C VAL A 133 9.72 -8.99 -8.44
N TYR A 134 10.14 -7.81 -8.04
CA TYR A 134 11.00 -6.97 -8.90
C TYR A 134 12.29 -7.73 -9.20
N TYR A 135 12.95 -8.23 -8.17
CA TYR A 135 14.19 -9.03 -8.31
C TYR A 135 13.98 -10.15 -9.32
N ARG A 136 12.86 -10.87 -9.22
CA ARG A 136 12.63 -12.06 -10.05
C ARG A 136 12.37 -11.62 -11.49
N ILE A 137 11.77 -10.44 -11.72
CA ILE A 137 11.57 -9.97 -13.12
C ILE A 137 12.93 -9.64 -13.70
N SER A 138 13.71 -8.89 -12.94
CA SER A 138 14.99 -8.30 -13.37
C SER A 138 16.00 -9.41 -13.66
N GLU A 139 15.85 -10.57 -13.03
CA GLU A 139 16.74 -11.74 -13.27
C GLU A 139 16.51 -12.29 -14.68
N LYS A 140 15.28 -12.21 -15.18
CA LYS A 140 14.95 -12.70 -16.55
C LYS A 140 15.14 -11.56 -17.56
N SER A 141 14.84 -10.33 -17.21
CA SER A 141 14.79 -9.24 -18.22
C SER A 141 14.93 -7.89 -17.53
N LYS A 142 15.85 -7.08 -18.06
CA LYS A 142 16.05 -5.67 -17.65
C LYS A 142 15.04 -4.75 -18.31
N THR A 143 14.19 -5.24 -19.22
CA THR A 143 13.22 -4.39 -19.97
C THR A 143 11.80 -4.77 -19.57
N HIS A 144 11.59 -5.55 -18.50
CA HIS A 144 10.23 -5.75 -17.95
C HIS A 144 10.22 -5.31 -16.50
N GLY A 145 9.04 -4.95 -16.03
CA GLY A 145 8.80 -4.44 -14.68
C GLY A 145 7.36 -4.70 -14.33
N PHE A 146 6.89 -4.10 -13.25
CA PHE A 146 5.50 -4.24 -12.82
C PHE A 146 5.16 -3.01 -11.99
N PRO A 147 4.02 -2.32 -12.30
CA PRO A 147 3.77 -1.00 -11.73
C PRO A 147 3.21 -1.08 -10.30
N ALA A 148 4.02 -1.57 -9.40
CA ALA A 148 3.64 -1.68 -7.98
C ALA A 148 4.44 -0.66 -7.17
N GLY A 149 4.37 -0.80 -5.86
CA GLY A 149 4.78 0.20 -4.88
C GLY A 149 6.27 0.27 -4.73
N VAL A 150 6.73 1.28 -4.01
CA VAL A 150 8.16 1.65 -3.90
C VAL A 150 8.82 0.75 -2.86
N CYS A 151 8.05 0.30 -1.87
CA CYS A 151 8.62 -0.31 -0.64
C CYS A 151 8.88 -1.79 -0.94
N PRO A 152 10.15 -2.21 -1.03
CA PRO A 152 10.45 -3.59 -1.38
C PRO A 152 9.87 -4.65 -0.45
N THR A 153 9.62 -4.32 0.83
CA THR A 153 9.23 -5.34 1.84
C THR A 153 7.71 -5.41 1.89
N VAL A 154 7.02 -4.57 1.11
CA VAL A 154 5.55 -4.69 1.08
C VAL A 154 5.18 -6.05 0.52
N GLY A 155 4.14 -6.63 1.10
CA GLY A 155 3.57 -7.93 0.72
C GLY A 155 2.60 -7.77 -0.43
N VAL A 156 2.61 -8.77 -1.30
CA VAL A 156 1.79 -8.74 -2.54
C VAL A 156 0.32 -8.80 -2.13
N GLY A 157 0.01 -9.61 -1.11
CA GLY A 157 -1.37 -9.85 -0.66
C GLY A 157 -2.09 -8.55 -0.39
N GLY A 158 -1.53 -7.76 0.51
CA GLY A 158 -2.18 -6.52 0.93
C GLY A 158 -2.05 -5.48 -0.16
N HIS A 159 -0.90 -5.46 -0.82
CA HIS A 159 -0.55 -4.37 -1.76
C HIS A 159 -1.54 -4.37 -2.93
N ILE A 160 -1.71 -5.52 -3.55
CA ILE A 160 -2.58 -5.68 -4.73
C ILE A 160 -4.03 -5.68 -4.27
N GLY A 161 -4.31 -6.43 -3.21
CA GLY A 161 -5.64 -6.50 -2.61
C GLY A 161 -6.22 -5.11 -2.49
N GLY A 162 -5.41 -4.16 -2.01
CA GLY A 162 -5.84 -2.81 -1.65
C GLY A 162 -5.64 -1.79 -2.76
N GLY A 163 -5.20 -2.22 -3.96
CA GLY A 163 -5.11 -1.31 -5.12
C GLY A 163 -3.78 -0.60 -5.17
N GLY A 164 -2.70 -1.33 -5.02
CA GLY A 164 -1.35 -0.77 -4.92
C GLY A 164 -0.95 0.07 -6.12
N TYR A 165 -0.22 1.13 -5.86
CA TYR A 165 0.26 2.03 -6.92
C TYR A 165 1.75 2.18 -6.75
N GLY A 166 2.40 2.69 -7.78
CA GLY A 166 3.80 3.09 -7.65
C GLY A 166 4.08 4.11 -8.68
N ASN A 167 5.35 4.32 -8.91
CA ASN A 167 5.82 5.48 -9.67
C ASN A 167 5.59 5.29 -11.17
N MET A 168 4.94 4.23 -11.63
CA MET A 168 4.60 4.11 -13.05
C MET A 168 3.08 4.13 -13.26
N MET A 169 2.30 4.57 -12.27
CA MET A 169 0.83 4.52 -12.41
C MET A 169 0.39 5.46 -13.54
N ARG A 170 1.09 6.56 -13.78
CA ARG A 170 0.64 7.49 -14.85
C ARG A 170 0.78 6.81 -16.21
N LYS A 171 1.68 5.86 -16.34
CA LYS A 171 1.90 5.12 -17.61
C LYS A 171 0.98 3.90 -17.65
N TYR A 172 0.93 3.12 -16.57
CA TYR A 172 0.42 1.72 -16.61
C TYR A 172 -0.76 1.53 -15.66
N GLY A 173 -1.11 2.58 -14.91
CA GLY A 173 -2.20 2.49 -13.91
C GLY A 173 -1.67 1.76 -12.71
N LEU A 174 -2.58 1.18 -11.96
CA LEU A 174 -2.29 0.47 -10.72
C LEU A 174 -1.87 -0.95 -11.04
N THR A 175 -1.36 -1.54 -10.01
CA THR A 175 -1.17 -2.99 -9.85
C THR A 175 -2.45 -3.72 -10.31
N VAL A 176 -3.61 -3.25 -9.89
CA VAL A 176 -4.89 -3.96 -10.06
C VAL A 176 -5.37 -3.75 -11.49
N ASP A 177 -4.74 -2.84 -12.23
CA ASP A 177 -5.03 -2.61 -13.66
C ASP A 177 -4.18 -3.57 -14.52
N ASN A 178 -3.37 -4.40 -13.88
CA ASN A 178 -2.32 -5.25 -14.52
C ASN A 178 -2.35 -6.66 -13.93
N ILE A 179 -3.54 -7.20 -13.70
CA ILE A 179 -3.74 -8.59 -13.20
C ILE A 179 -4.48 -9.36 -14.29
N VAL A 180 -3.99 -10.55 -14.67
CA VAL A 180 -4.70 -11.39 -15.70
C VAL A 180 -5.51 -12.46 -14.99
N ASP A 181 -5.08 -12.89 -13.81
CA ASP A 181 -5.72 -14.04 -13.14
C ASP A 181 -5.34 -13.95 -11.67
N ALA A 182 -5.97 -14.76 -10.84
CA ALA A 182 -5.60 -14.88 -9.42
C ALA A 182 -6.13 -16.21 -8.89
N LYS A 183 -5.53 -16.68 -7.80
CA LYS A 183 -6.01 -17.84 -7.04
C LYS A 183 -6.44 -17.32 -5.67
N LEU A 184 -7.60 -17.77 -5.20
CA LEU A 184 -8.23 -17.30 -3.94
C LEU A 184 -8.87 -18.51 -3.28
N VAL A 185 -8.73 -18.63 -1.96
CA VAL A 185 -9.52 -19.61 -1.17
C VAL A 185 -10.70 -18.86 -0.54
N ASP A 186 -11.92 -19.33 -0.81
CA ASP A 186 -13.20 -18.69 -0.35
C ASP A 186 -13.61 -19.26 1.01
N VAL A 187 -14.72 -18.74 1.54
CA VAL A 187 -15.31 -19.08 2.87
C VAL A 187 -15.57 -20.59 2.96
N SER A 188 -15.94 -21.24 1.85
CA SER A 188 -16.20 -22.70 1.76
C SER A 188 -14.89 -23.49 1.71
N GLY A 189 -13.73 -22.85 1.62
CA GLY A 189 -12.44 -23.54 1.47
C GLY A 189 -12.19 -24.03 0.03
N ARG A 190 -13.01 -23.66 -0.96
CA ARG A 190 -12.69 -23.94 -2.39
C ARG A 190 -11.53 -23.03 -2.82
N LEU A 191 -10.50 -23.65 -3.41
CA LEU A 191 -9.44 -23.01 -4.22
C LEU A 191 -10.02 -22.65 -5.60
N LEU A 192 -10.10 -21.34 -5.89
CA LEU A 192 -10.71 -20.76 -7.10
C LEU A 192 -9.66 -19.97 -7.89
N ASP A 193 -9.77 -19.93 -9.21
CA ASP A 193 -9.00 -18.96 -10.02
C ASP A 193 -9.99 -17.97 -10.64
N ARG A 194 -9.53 -17.12 -11.54
CA ARG A 194 -10.42 -16.10 -12.15
C ARG A 194 -11.69 -16.79 -12.65
N LYS A 195 -11.50 -17.83 -13.45
CA LYS A 195 -12.57 -18.59 -14.15
C LYS A 195 -13.62 -19.11 -13.15
N SER A 196 -13.23 -19.85 -12.11
CA SER A 196 -14.16 -20.46 -11.11
C SER A 196 -14.67 -19.41 -10.10
N MET A 197 -13.88 -18.39 -9.84
CA MET A 197 -14.17 -17.28 -8.89
C MET A 197 -15.28 -16.35 -9.45
N GLY A 198 -15.31 -16.15 -10.77
CA GLY A 198 -16.21 -15.19 -11.45
C GLY A 198 -15.67 -13.76 -11.51
N GLU A 199 -16.15 -12.93 -12.42
CA GLU A 199 -15.63 -11.56 -12.62
C GLU A 199 -15.94 -10.65 -11.42
N ASP A 200 -17.01 -10.91 -10.68
CA ASP A 200 -17.41 -10.14 -9.47
C ASP A 200 -16.30 -10.26 -8.43
N LEU A 201 -15.90 -11.50 -8.09
CA LEU A 201 -14.92 -11.70 -7.01
C LEU A 201 -13.55 -11.28 -7.54
N PHE A 202 -13.27 -11.52 -8.82
CA PHE A 202 -11.95 -11.13 -9.39
C PHE A 202 -11.80 -9.60 -9.40
N TRP A 203 -12.89 -8.88 -9.61
CA TRP A 203 -12.97 -7.41 -9.45
C TRP A 203 -12.71 -6.99 -8.00
N ALA A 204 -13.45 -7.57 -7.05
CA ALA A 204 -13.41 -7.22 -5.61
C ALA A 204 -11.99 -7.36 -5.06
N ILE A 205 -11.25 -8.39 -5.48
CA ILE A 205 -9.92 -8.63 -4.85
C ILE A 205 -8.84 -7.80 -5.56
N ARG A 206 -9.24 -6.93 -6.48
CA ARG A 206 -8.29 -6.05 -7.19
C ARG A 206 -8.55 -4.64 -6.74
N GLY A 207 -8.45 -4.40 -5.43
CA GLY A 207 -8.54 -3.05 -4.86
C GLY A 207 -9.55 -2.94 -3.74
N GLY A 208 -10.44 -3.93 -3.55
CA GLY A 208 -11.55 -3.85 -2.59
C GLY A 208 -11.19 -4.45 -1.24
N GLY A 209 -9.92 -4.81 -1.04
CA GLY A 209 -9.41 -5.40 0.21
C GLY A 209 -9.70 -6.88 0.20
N GLY A 210 -8.70 -7.69 -0.15
CA GLY A 210 -8.83 -9.14 -0.32
C GLY A 210 -9.47 -9.78 0.91
N ALA A 211 -9.10 -9.29 2.11
CA ALA A 211 -9.42 -9.89 3.42
C ALA A 211 -10.91 -9.83 3.72
N SER A 212 -11.71 -9.09 2.92
CA SER A 212 -13.18 -9.05 3.03
C SER A 212 -13.81 -10.22 2.27
N PHE A 213 -13.06 -10.87 1.37
CA PHE A 213 -13.63 -11.83 0.38
C PHE A 213 -13.01 -13.22 0.48
N GLY A 214 -11.82 -13.33 1.04
CA GLY A 214 -11.11 -14.62 1.12
C GLY A 214 -9.64 -14.43 1.29
N VAL A 215 -8.92 -15.54 1.24
CA VAL A 215 -7.44 -15.59 1.27
C VAL A 215 -7.00 -15.69 -0.19
N VAL A 216 -6.42 -14.59 -0.69
CA VAL A 216 -5.85 -14.58 -2.05
C VAL A 216 -4.55 -15.35 -1.91
N LEU A 217 -4.36 -16.38 -2.74
CA LEU A 217 -3.14 -17.22 -2.66
C LEU A 217 -2.09 -16.67 -3.62
N ALA A 218 -2.52 -16.26 -4.82
CA ALA A 218 -1.63 -15.73 -5.89
C ALA A 218 -2.38 -14.77 -6.80
N TYR A 219 -1.67 -13.78 -7.31
CA TYR A 219 -2.08 -12.98 -8.48
C TYR A 219 -1.23 -13.46 -9.65
N ARG A 220 -1.86 -13.60 -10.81
CA ARG A 220 -1.09 -13.62 -12.08
C ARG A 220 -0.96 -12.19 -12.58
N ILE A 221 0.23 -11.64 -12.50
CA ILE A 221 0.41 -10.20 -12.84
C ILE A 221 0.83 -10.07 -14.29
N LYS A 222 0.39 -9.00 -14.92
CA LYS A 222 0.84 -8.65 -16.27
C LYS A 222 2.08 -7.77 -16.14
N LEU A 223 3.22 -8.21 -16.64
CA LEU A 223 4.46 -7.37 -16.67
C LEU A 223 4.25 -6.28 -17.70
N VAL A 224 5.02 -5.22 -17.57
CA VAL A 224 4.97 -4.07 -18.49
C VAL A 224 6.38 -3.85 -19.00
N ARG A 225 6.47 -3.25 -20.17
CA ARG A 225 7.74 -2.88 -20.81
C ARG A 225 8.27 -1.69 -20.03
N VAL A 226 9.53 -1.77 -19.64
CA VAL A 226 10.25 -0.56 -19.22
C VAL A 226 11.38 -0.38 -20.22
N PRO A 227 11.77 0.88 -20.48
CA PRO A 227 12.90 1.20 -21.34
C PRO A 227 14.22 0.61 -20.85
N GLU A 228 15.18 0.55 -21.77
CA GLU A 228 16.52 -0.05 -21.57
C GLU A 228 17.24 0.83 -20.57
N THR A 229 16.87 2.12 -20.57
CA THR A 229 17.39 3.20 -19.70
C THR A 229 16.22 3.97 -19.12
N VAL A 230 16.17 4.14 -17.81
CA VAL A 230 15.20 5.09 -17.19
C VAL A 230 15.99 6.21 -16.52
N THR A 231 15.34 7.32 -16.25
CA THR A 231 15.97 8.46 -15.55
C THR A 231 15.27 8.66 -14.21
N VAL A 232 16.08 8.93 -13.20
CA VAL A 232 15.60 9.36 -11.88
C VAL A 232 16.31 10.65 -11.55
N PHE A 233 15.67 11.41 -10.66
CA PHE A 233 16.29 12.55 -9.99
C PHE A 233 15.63 12.71 -8.62
N GLN A 234 16.38 13.32 -7.71
CA GLN A 234 15.79 14.03 -6.56
C GLN A 234 16.37 15.44 -6.48
N VAL A 235 15.50 16.44 -6.54
CA VAL A 235 15.86 17.88 -6.41
C VAL A 235 15.13 18.39 -5.18
N ARG A 236 15.85 19.06 -4.29
CA ARG A 236 15.33 19.59 -3.00
C ARG A 236 15.36 21.12 -3.07
N LYS A 237 14.24 21.74 -2.72
CA LYS A 237 14.09 23.22 -2.67
C LYS A 237 13.51 23.58 -1.31
N THR A 238 14.10 24.53 -0.59
CA THR A 238 13.49 25.07 0.67
C THR A 238 12.58 26.24 0.25
N LEU A 239 11.76 26.76 1.17
CA LEU A 239 11.02 28.03 0.90
C LEU A 239 12.00 29.12 0.43
N GLU A 240 13.23 29.11 0.92
CA GLU A 240 14.21 30.16 0.60
C GLU A 240 14.73 29.94 -0.83
N GLN A 241 14.60 28.74 -1.39
CA GLN A 241 14.90 28.49 -2.83
C GLN A 241 13.62 28.56 -3.67
N ASN A 242 12.61 29.31 -3.24
CA ASN A 242 11.44 29.63 -4.09
C ASN A 242 10.57 28.36 -4.19
N ALA A 243 10.58 27.51 -3.17
CA ALA A 243 9.82 26.26 -3.17
C ALA A 243 8.33 26.57 -3.39
N THR A 244 7.80 27.72 -2.97
CA THR A 244 6.35 27.98 -3.12
C THR A 244 5.98 28.04 -4.60
N GLU A 245 6.75 28.77 -5.39
CA GLU A 245 6.57 28.95 -6.85
C GLU A 245 6.74 27.59 -7.54
N ILE A 246 7.68 26.79 -7.03
CA ILE A 246 8.07 25.51 -7.67
C ILE A 246 6.96 24.49 -7.41
N VAL A 247 6.55 24.36 -6.16
CA VAL A 247 5.42 23.50 -5.75
C VAL A 247 4.19 23.94 -6.55
N TYR A 248 3.98 25.25 -6.68
CA TYR A 248 2.75 25.79 -7.29
C TYR A 248 2.74 25.30 -8.74
N ARG A 249 3.90 25.31 -9.37
CA ARG A 249 4.00 24.97 -10.81
C ARG A 249 3.82 23.46 -10.92
N TRP A 250 4.41 22.70 -9.99
CA TRP A 250 4.27 21.23 -9.93
C TRP A 250 2.79 20.88 -9.99
N GLN A 251 1.99 21.59 -9.24
CA GLN A 251 0.54 21.31 -9.10
C GLN A 251 -0.14 21.44 -10.45
N GLN A 252 0.35 22.33 -11.30
CA GLN A 252 -0.35 22.64 -12.57
C GLN A 252 0.11 21.63 -13.63
N VAL A 253 1.24 20.94 -13.44
CA VAL A 253 1.78 20.12 -14.54
C VAL A 253 1.89 18.64 -14.16
N ALA A 254 2.12 18.30 -12.89
CA ALA A 254 2.57 16.93 -12.55
C ALA A 254 1.55 15.86 -12.94
N SER A 255 0.25 16.13 -12.87
CA SER A 255 -0.81 15.20 -13.32
C SER A 255 -1.37 15.63 -14.67
N LYS A 256 -1.45 16.92 -14.92
CA LYS A 256 -2.20 17.46 -16.07
C LYS A 256 -1.37 17.48 -17.34
N GLN A 257 -0.07 17.81 -17.28
CA GLN A 257 0.72 18.21 -18.49
C GLN A 257 1.92 17.27 -18.70
N LEU A 258 2.62 16.84 -17.66
CA LEU A 258 3.84 16.01 -17.85
C LEU A 258 3.44 14.71 -18.53
N PRO A 259 4.24 14.30 -19.53
CA PRO A 259 3.94 13.08 -20.28
C PRO A 259 3.78 11.93 -19.29
N ASP A 260 3.04 10.91 -19.73
CA ASP A 260 2.63 9.72 -18.94
C ASP A 260 3.89 8.96 -18.48
N ASP A 261 5.01 9.20 -19.14
CA ASP A 261 6.28 8.51 -18.84
C ASP A 261 6.93 9.12 -17.61
N LEU A 262 6.46 10.30 -17.19
CA LEU A 262 7.13 11.08 -16.15
C LEU A 262 6.29 11.09 -14.89
N PHE A 263 6.87 10.58 -13.83
CA PHE A 263 6.27 10.64 -12.50
C PHE A 263 7.14 11.56 -11.66
N VAL A 264 6.57 12.65 -11.14
CA VAL A 264 7.30 13.55 -10.19
C VAL A 264 6.54 13.57 -8.87
N ARG A 265 7.04 12.83 -7.89
CA ARG A 265 6.46 12.82 -6.53
C ARG A 265 7.00 14.07 -5.83
N LEU A 266 6.20 14.66 -4.97
CA LEU A 266 6.63 15.80 -4.15
C LEU A 266 6.49 15.38 -2.68
N ILE A 267 7.62 15.41 -1.98
CA ILE A 267 7.67 15.16 -0.52
C ILE A 267 7.90 16.51 0.16
N LEU A 268 7.03 16.81 1.09
CA LEU A 268 7.08 18.06 1.88
C LEU A 268 7.41 17.70 3.32
N ASP A 269 8.51 18.22 3.81
CA ASP A 269 8.87 17.95 5.22
C ASP A 269 9.46 19.23 5.84
N VAL A 270 9.59 19.24 7.15
CA VAL A 270 10.09 20.44 7.85
C VAL A 270 11.54 20.16 8.19
N VAL A 271 12.43 21.06 7.82
CA VAL A 271 13.89 20.91 8.11
C VAL A 271 14.38 22.21 8.78
N ASN A 272 15.54 22.14 9.41
CA ASN A 272 16.27 23.32 9.94
C ASN A 272 16.43 24.36 8.83
N GLY A 273 16.06 25.62 9.11
CA GLY A 273 16.19 26.74 8.16
C GLY A 273 17.65 27.13 8.00
N THR A 274 17.90 28.29 7.39
CA THR A 274 19.27 28.85 7.19
C THR A 274 19.69 29.60 8.47
N LYS A 275 18.82 30.44 9.08
CA LYS A 275 19.06 31.02 10.43
C LYS A 275 18.93 29.89 11.47
N SER A 276 19.85 29.85 12.45
CA SER A 276 19.94 28.78 13.48
C SER A 276 18.65 28.72 14.32
N GLY A 277 18.26 27.51 14.77
CA GLY A 277 17.03 27.29 15.56
C GLY A 277 15.75 27.29 14.73
N THR A 278 15.71 28.09 13.65
CA THR A 278 14.51 28.27 12.77
C THR A 278 14.27 27.04 11.90
N LYS A 279 13.03 26.85 11.45
CA LYS A 279 12.64 25.71 10.57
C LYS A 279 12.11 26.27 9.26
N THR A 280 12.21 25.45 8.22
CA THR A 280 11.66 25.79 6.89
C THR A 280 11.00 24.52 6.33
N VAL A 281 10.30 24.69 5.23
CA VAL A 281 9.71 23.55 4.49
C VAL A 281 10.68 23.21 3.38
N ARG A 282 10.98 21.93 3.30
CA ARG A 282 11.75 21.40 2.16
C ARG A 282 10.79 20.67 1.22
N ALA A 283 10.83 21.04 -0.05
CA ALA A 283 10.06 20.36 -1.11
C ALA A 283 11.04 19.49 -1.88
N SER A 284 10.88 18.18 -1.76
CA SER A 284 11.73 17.20 -2.48
C SER A 284 10.94 16.71 -3.69
N PHE A 285 11.50 16.84 -4.89
CA PHE A 285 10.92 16.32 -6.15
C PHE A 285 11.67 15.06 -6.55
N LEU A 286 11.01 13.92 -6.43
CA LEU A 286 11.56 12.56 -6.67
C LEU A 286 10.85 11.98 -7.87
N SER A 287 11.60 11.54 -8.88
CA SER A 287 11.05 11.28 -10.21
C SER A 287 11.58 9.97 -10.78
N LEU A 288 10.72 9.29 -11.52
CA LEU A 288 11.02 8.20 -12.48
C LEU A 288 10.53 8.69 -13.83
N PHE A 289 11.45 8.84 -14.75
CA PHE A 289 11.13 9.06 -16.16
C PHE A 289 11.43 7.78 -16.91
N LEU A 290 10.42 7.23 -17.56
CA LEU A 290 10.58 6.06 -18.46
C LEU A 290 11.14 6.56 -19.79
N GLY A 291 12.43 6.92 -19.80
CA GLY A 291 13.12 7.43 -20.99
C GLY A 291 14.41 8.07 -20.55
N ASP A 292 15.10 8.73 -21.46
CA ASP A 292 16.48 9.23 -21.23
C ASP A 292 16.45 10.69 -20.81
N SER A 293 17.57 11.16 -20.27
CA SER A 293 17.74 12.49 -19.64
C SER A 293 17.52 13.59 -20.68
N ASN A 294 17.86 13.35 -21.95
CA ASN A 294 17.73 14.41 -22.98
C ASN A 294 16.26 14.70 -23.21
N ARG A 295 15.44 13.66 -23.36
CA ARG A 295 13.99 13.89 -23.50
C ARG A 295 13.47 14.49 -22.19
N LEU A 296 13.91 14.02 -21.03
CA LEU A 296 13.43 14.56 -19.73
C LEU A 296 13.76 16.05 -19.66
N LEU A 297 15.00 16.41 -19.96
CA LEU A 297 15.48 17.81 -19.78
C LEU A 297 14.70 18.75 -20.70
N SER A 298 14.32 18.28 -21.90
CA SER A 298 13.47 19.06 -22.83
C SER A 298 12.08 19.25 -22.22
N ILE A 299 11.53 18.21 -21.60
CA ILE A 299 10.19 18.27 -20.99
C ILE A 299 10.24 19.28 -19.85
N MET A 300 11.23 19.15 -18.98
CA MET A 300 11.32 19.96 -17.74
C MET A 300 11.68 21.40 -18.10
N ASN A 301 12.48 21.64 -19.15
CA ASN A 301 12.84 23.02 -19.57
C ASN A 301 11.59 23.71 -20.11
N GLU A 302 10.70 22.96 -20.75
CA GLU A 302 9.45 23.52 -21.31
C GLU A 302 8.35 23.64 -20.26
N SER A 303 8.06 22.59 -19.49
CA SER A 303 6.81 22.48 -18.71
C SER A 303 7.07 22.83 -17.25
N PHE A 304 8.30 22.72 -16.78
CA PHE A 304 8.60 22.87 -15.34
C PHE A 304 10.00 23.41 -15.17
N PRO A 305 10.35 24.51 -15.87
CA PRO A 305 11.70 25.07 -15.75
C PRO A 305 12.01 25.59 -14.34
N GLU A 306 10.99 25.97 -13.57
CA GLU A 306 11.15 26.50 -12.20
C GLU A 306 11.92 25.52 -11.32
N LEU A 307 11.88 24.21 -11.61
CA LEU A 307 12.61 23.23 -10.77
C LEU A 307 14.13 23.43 -10.95
N GLY A 308 14.56 23.99 -12.07
CA GLY A 308 15.99 24.17 -12.39
C GLY A 308 16.67 22.82 -12.56
N LEU A 309 15.97 21.83 -13.12
CA LEU A 309 16.55 20.47 -13.31
C LEU A 309 17.65 20.59 -14.37
N ALA A 310 18.83 20.06 -14.07
CA ALA A 310 20.04 20.10 -14.94
C ALA A 310 20.52 18.67 -15.24
N GLN A 311 21.41 18.47 -16.21
CA GLN A 311 21.95 17.13 -16.57
C GLN A 311 22.56 16.47 -15.32
N SER A 312 23.21 17.24 -14.46
CA SER A 312 23.92 16.74 -13.24
C SER A 312 22.93 16.18 -12.22
N ASP A 313 21.64 16.52 -12.33
CA ASP A 313 20.58 16.02 -11.42
C ASP A 313 20.11 14.63 -11.86
N CYS A 314 20.20 14.34 -13.16
CA CYS A 314 19.65 13.12 -13.78
C CYS A 314 20.58 11.95 -13.52
N ILE A 315 20.03 10.84 -13.04
CA ILE A 315 20.77 9.56 -13.04
C ILE A 315 20.09 8.65 -14.05
N GLU A 316 20.86 8.08 -14.95
CA GLU A 316 20.31 7.13 -15.95
C GLU A 316 20.65 5.73 -15.48
N THR A 317 19.71 4.78 -15.48
CA THR A 317 20.01 3.44 -14.93
C THR A 317 18.98 2.44 -15.43
N SER A 318 19.03 1.22 -14.94
CA SER A 318 18.06 0.19 -15.31
C SER A 318 16.76 0.55 -14.56
N TRP A 319 15.64 0.05 -15.03
CA TRP A 319 14.38 0.14 -14.26
C TRP A 319 14.60 -0.49 -12.88
N ILE A 320 15.20 -1.66 -12.81
CA ILE A 320 15.43 -2.29 -11.48
C ILE A 320 16.27 -1.38 -10.57
N ARG A 321 17.28 -0.69 -11.06
CA ARG A 321 18.10 0.15 -10.14
C ARG A 321 17.32 1.43 -9.78
N SER A 322 16.35 1.84 -10.59
CA SER A 322 15.43 2.96 -10.25
C SER A 322 14.65 2.60 -9.00
N VAL A 323 14.26 1.33 -8.86
CA VAL A 323 13.56 0.83 -7.66
C VAL A 323 14.45 1.06 -6.44
N LEU A 324 15.72 0.67 -6.55
CA LEU A 324 16.68 0.83 -5.45
C LEU A 324 16.67 2.31 -5.07
N PHE A 325 16.80 3.19 -6.06
CA PHE A 325 16.92 4.64 -5.82
C PHE A 325 15.65 5.12 -5.11
N TRP A 326 14.50 4.67 -5.59
CA TRP A 326 13.18 5.09 -5.07
C TRP A 326 12.95 4.60 -3.65
N THR A 327 13.70 3.60 -3.18
CA THR A 327 13.60 3.22 -1.74
C THR A 327 14.83 3.59 -0.92
N ASN A 328 15.58 4.59 -1.34
CA ASN A 328 16.73 5.10 -0.55
C ASN A 328 17.82 4.05 -0.39
N PHE A 329 17.83 3.04 -1.26
CA PHE A 329 18.96 2.10 -1.28
C PHE A 329 19.91 2.74 -2.28
N GLN A 330 21.21 2.54 -2.11
CA GLN A 330 22.23 3.12 -3.03
C GLN A 330 22.00 2.49 -4.40
N ILE A 331 22.25 3.27 -5.44
CA ILE A 331 21.93 2.88 -6.84
C ILE A 331 22.89 1.78 -7.31
N ASP A 332 24.07 1.67 -6.69
CA ASP A 332 25.06 0.61 -7.01
C ASP A 332 24.94 -0.56 -5.99
N ASP A 333 23.97 -0.55 -5.07
CA ASP A 333 23.73 -1.71 -4.16
C ASP A 333 23.48 -2.97 -4.98
N PRO A 334 23.83 -4.17 -4.46
CA PRO A 334 23.52 -5.41 -5.16
C PRO A 334 21.99 -5.57 -5.16
N LEU A 335 21.45 -6.09 -6.27
CA LEU A 335 20.00 -6.20 -6.50
C LEU A 335 19.37 -7.10 -5.44
N ASN A 336 20.13 -8.03 -4.86
CA ASN A 336 19.50 -9.03 -3.96
C ASN A 336 19.13 -8.36 -2.63
N ILE A 337 19.58 -7.14 -2.37
CA ILE A 337 19.06 -6.33 -1.23
C ILE A 337 17.52 -6.25 -1.34
N LEU A 338 16.95 -6.38 -2.54
CA LEU A 338 15.48 -6.39 -2.73
C LEU A 338 14.84 -7.65 -2.14
N LEU A 339 15.60 -8.68 -1.84
CA LEU A 339 15.09 -9.96 -1.26
C LEU A 339 15.02 -9.87 0.27
N ASN A 340 15.60 -8.84 0.87
CA ASN A 340 15.48 -8.63 2.33
C ASN A 340 14.01 -8.28 2.61
N ARG A 341 13.34 -9.12 3.42
CA ARG A 341 11.90 -8.96 3.81
C ARG A 341 11.75 -7.94 4.93
N THR A 342 12.84 -7.55 5.54
CA THR A 342 12.86 -6.65 6.71
C THR A 342 13.41 -5.32 6.30
N PRO A 343 12.71 -4.21 6.57
CA PRO A 343 13.23 -2.89 6.27
C PRO A 343 14.39 -2.58 7.19
N PRO A 344 15.31 -1.70 6.77
CA PRO A 344 16.48 -1.35 7.57
C PRO A 344 16.10 -0.60 8.86
N THR A 345 14.99 0.13 8.84
CA THR A 345 14.46 0.94 9.96
C THR A 345 13.00 0.58 10.22
N LEU A 346 12.65 0.37 11.48
CA LEU A 346 11.23 0.29 11.90
C LEU A 346 10.97 1.48 12.80
N THR A 347 9.80 2.09 12.66
CA THR A 347 9.41 3.25 13.47
C THR A 347 7.98 3.07 13.95
N PHE A 348 7.57 3.99 14.81
CA PHE A 348 6.16 4.20 15.16
C PHE A 348 5.67 5.10 14.04
N LEU A 349 4.48 4.85 13.51
CA LEU A 349 4.02 5.67 12.38
C LEU A 349 2.49 5.75 12.31
N LYS A 350 2.07 6.86 11.76
CA LYS A 350 0.67 7.10 11.42
C LYS A 350 0.64 7.50 9.94
N ARG A 351 -0.37 7.03 9.23
CA ARG A 351 -0.60 7.46 7.84
C ARG A 351 -2.06 7.89 7.71
N LYS A 352 -2.28 8.93 6.93
CA LYS A 352 -3.61 9.25 6.40
C LYS A 352 -3.43 9.55 4.92
N SER A 353 -4.53 9.69 4.21
CA SER A 353 -4.49 10.05 2.78
C SER A 353 -5.54 11.09 2.50
N ASP A 354 -5.39 11.74 1.36
CA ASP A 354 -6.39 12.68 0.82
C ASP A 354 -6.21 12.68 -0.68
N TYR A 355 -7.15 13.27 -1.38
CA TYR A 355 -7.06 13.53 -2.82
C TYR A 355 -7.29 15.01 -3.01
N VAL A 356 -6.51 15.56 -3.91
CA VAL A 356 -6.63 16.96 -4.33
C VAL A 356 -7.18 16.97 -5.76
N LYS A 357 -8.16 17.84 -5.98
CA LYS A 357 -8.91 17.97 -7.24
C LYS A 357 -8.66 19.33 -7.85
N GLN A 358 -8.15 20.31 -7.08
CA GLN A 358 -7.79 21.63 -7.64
C GLN A 358 -6.46 22.04 -7.06
N PRO A 359 -5.65 22.77 -7.83
CA PRO A 359 -4.38 23.28 -7.32
C PRO A 359 -4.67 24.18 -6.11
N ILE A 360 -3.78 24.14 -5.14
CA ILE A 360 -3.82 25.04 -3.95
C ILE A 360 -3.24 26.37 -4.40
N PRO A 361 -3.99 27.48 -4.23
CA PRO A 361 -3.43 28.80 -4.52
C PRO A 361 -2.14 28.99 -3.70
N LYS A 362 -1.25 29.83 -4.19
CA LYS A 362 0.00 30.21 -3.49
C LYS A 362 -0.31 30.65 -2.06
N ASN A 363 -1.38 31.41 -1.84
CA ASN A 363 -1.76 31.85 -0.48
C ASN A 363 -1.96 30.61 0.36
N GLY A 364 -2.65 29.59 -0.17
CA GLY A 364 -2.94 28.33 0.54
C GLY A 364 -1.67 27.54 0.81
N LEU A 365 -0.75 27.51 -0.13
CA LEU A 365 0.58 26.86 0.10
C LEU A 365 1.32 27.55 1.25
N GLU A 366 1.35 28.88 1.28
CA GLU A 366 2.09 29.63 2.34
C GLU A 366 1.38 29.33 3.67
N PHE A 367 0.06 29.19 3.61
CA PHE A 367 -0.72 28.76 4.79
C PHE A 367 -0.17 27.43 5.26
N ILE A 368 -0.06 26.48 4.34
CA ILE A 368 0.34 25.11 4.71
C ILE A 368 1.76 25.18 5.28
N TRP A 369 2.63 26.01 4.72
CA TRP A 369 4.05 26.05 5.18
C TRP A 369 4.01 26.48 6.65
N LYS A 370 3.19 27.47 7.00
CA LYS A 370 3.20 27.96 8.39
C LYS A 370 2.70 26.85 9.31
N ARG A 371 1.65 26.12 8.93
CA ARG A 371 1.07 25.04 9.76
C ARG A 371 2.08 23.92 9.88
N MET A 372 2.75 23.58 8.79
CA MET A 372 3.71 22.45 8.81
C MET A 372 4.88 22.88 9.68
N ILE A 373 5.30 24.14 9.64
CA ILE A 373 6.47 24.55 10.46
C ILE A 373 6.05 24.44 11.93
N GLU A 374 4.81 24.77 12.27
CA GLU A 374 4.40 24.81 13.69
C GLU A 374 4.18 23.37 14.17
N LEU A 375 3.61 22.47 13.38
CA LEU A 375 3.68 21.03 13.66
C LEU A 375 4.96 20.64 12.98
N GLU A 376 5.87 19.92 13.58
CA GLU A 376 7.19 19.87 12.89
C GLU A 376 7.35 18.56 12.12
N THR A 377 6.78 17.51 12.70
CA THR A 377 7.07 16.10 12.41
C THR A 377 6.30 15.62 11.21
N PRO A 378 5.00 15.97 11.04
CA PRO A 378 4.25 15.50 9.88
C PRO A 378 4.94 15.94 8.60
N GLN A 379 4.95 15.01 7.66
CA GLN A 379 5.33 15.31 6.27
C GLN A 379 4.15 15.00 5.38
N MET A 380 4.15 15.53 4.16
CA MET A 380 3.13 15.16 3.17
C MET A 380 3.84 14.65 1.93
N ILE A 381 3.32 13.59 1.37
CA ILE A 381 3.78 13.12 0.04
C ILE A 381 2.63 13.26 -0.96
N PHE A 382 2.90 14.01 -2.01
CA PHE A 382 1.98 14.26 -3.14
C PHE A 382 2.37 13.35 -4.29
N ASN A 383 1.45 12.49 -4.70
CA ASN A 383 1.63 11.52 -5.81
C ASN A 383 0.70 11.88 -6.97
N PRO A 384 1.26 12.42 -8.08
CA PRO A 384 0.44 12.88 -9.17
C PRO A 384 -0.33 11.75 -9.86
N TYR A 385 -1.57 12.03 -10.17
CA TYR A 385 -2.37 11.05 -10.93
C TYR A 385 -2.48 11.74 -12.30
N GLY A 386 -3.44 11.35 -13.14
CA GLY A 386 -3.53 11.86 -14.52
C GLY A 386 -2.88 10.73 -15.29
N GLY A 387 -2.55 10.96 -16.57
CA GLY A 387 -2.20 9.90 -17.54
C GLY A 387 -3.18 8.73 -17.49
N LYS A 388 -2.69 7.52 -17.26
CA LYS A 388 -3.53 6.29 -17.29
C LYS A 388 -4.54 6.34 -16.16
N MET A 389 -4.17 6.99 -15.06
CA MET A 389 -5.05 7.08 -13.86
C MET A 389 -6.30 7.91 -14.23
N ALA A 390 -6.23 8.81 -15.21
CA ALA A 390 -7.40 9.61 -15.65
C ALA A 390 -8.20 8.86 -16.73
N GLU A 391 -7.62 7.86 -17.37
CA GLU A 391 -8.18 7.22 -18.57
C GLU A 391 -9.04 6.04 -18.14
N ILE A 392 -8.73 5.45 -17.00
CA ILE A 392 -9.47 4.25 -16.52
C ILE A 392 -10.74 4.72 -15.83
N PRO A 393 -11.92 4.18 -16.19
CA PRO A 393 -13.15 4.55 -15.49
C PRO A 393 -13.12 4.15 -14.01
N SER A 394 -13.87 4.91 -13.22
CA SER A 394 -13.94 4.79 -11.76
C SER A 394 -14.45 3.39 -11.41
N THR A 395 -15.22 2.75 -12.30
CA THR A 395 -15.86 1.42 -12.10
C THR A 395 -14.90 0.26 -12.40
N ALA A 396 -13.79 0.49 -13.09
CA ALA A 396 -12.89 -0.58 -13.61
C ALA A 396 -12.41 -1.47 -12.47
N THR A 397 -12.17 -0.89 -11.30
CA THR A 397 -11.73 -1.63 -10.08
C THR A 397 -12.46 -1.06 -8.88
N PRO A 398 -12.46 -1.75 -7.73
CA PRO A 398 -13.07 -1.17 -6.52
C PRO A 398 -12.43 0.18 -6.22
N PHE A 399 -11.12 0.27 -6.44
CA PHE A 399 -10.39 1.55 -6.36
C PHE A 399 -11.06 2.54 -7.32
N PRO A 400 -11.66 3.64 -6.82
CA PRO A 400 -12.41 4.54 -7.70
C PRO A 400 -11.71 5.84 -8.12
N HIS A 401 -10.54 6.12 -7.58
CA HIS A 401 -9.95 7.49 -7.66
C HIS A 401 -9.24 7.64 -9.01
N ARG A 402 -9.98 8.05 -10.03
CA ARG A 402 -9.40 8.14 -11.39
C ARG A 402 -9.16 9.43 -12.15
N ALA A 403 -10.13 9.89 -12.93
CA ALA A 403 -10.18 11.23 -13.55
C ALA A 403 -10.71 12.20 -12.49
N GLY A 404 -10.23 13.44 -12.53
CA GLY A 404 -10.68 14.51 -11.61
C GLY A 404 -9.73 14.66 -10.44
N ASN A 405 -8.97 13.60 -10.14
CA ASN A 405 -7.92 13.63 -9.09
C ASN A 405 -6.61 14.08 -9.72
N LEU A 406 -6.07 15.19 -9.19
CA LEU A 406 -4.75 15.73 -9.59
C LEU A 406 -3.68 14.91 -8.86
N TRP A 407 -3.89 14.67 -7.56
CA TRP A 407 -2.88 13.89 -6.80
C TRP A 407 -3.46 13.36 -5.51
N LYS A 408 -2.77 12.35 -5.02
CA LYS A 408 -3.00 11.68 -3.75
C LYS A 408 -1.94 12.18 -2.77
N ILE A 409 -2.41 12.63 -1.63
CA ILE A 409 -1.58 13.02 -0.47
C ILE A 409 -1.48 11.81 0.41
N GLN A 410 -0.25 11.53 0.83
CA GLN A 410 0.00 10.69 2.01
C GLN A 410 0.52 11.59 3.12
N TYR A 411 -0.14 11.52 4.26
CA TYR A 411 0.34 12.16 5.51
C TYR A 411 1.24 11.15 6.19
N VAL A 412 2.47 11.56 6.43
CA VAL A 412 3.51 10.64 6.95
C VAL A 412 4.00 11.24 8.27
N THR A 413 3.70 10.57 9.36
CA THR A 413 4.26 10.95 10.67
C THR A 413 4.92 9.71 11.22
N ASN A 414 6.21 9.82 11.51
CA ASN A 414 7.00 8.73 12.12
C ASN A 414 7.58 9.23 13.44
N TRP A 415 7.74 8.33 14.39
CA TRP A 415 8.52 8.69 15.59
C TRP A 415 9.18 7.45 16.17
N ASN A 416 10.01 7.67 17.17
CA ASN A 416 10.81 6.60 17.82
C ASN A 416 10.35 6.38 19.26
N GLU A 417 9.70 7.37 19.91
CA GLU A 417 9.38 7.27 21.36
C GLU A 417 8.23 6.28 21.53
N PRO A 418 8.39 5.26 22.38
CA PRO A 418 7.31 4.32 22.69
C PRO A 418 6.26 4.89 23.67
N GLY A 419 5.13 4.20 23.81
CA GLY A 419 4.05 4.60 24.73
C GLY A 419 2.93 5.38 24.04
N THR A 420 1.72 5.16 24.50
CA THR A 420 0.50 5.84 24.04
C THR A 420 0.68 7.35 24.22
N ASP A 421 1.27 7.82 25.31
CA ASP A 421 1.31 9.29 25.54
C ASP A 421 2.00 9.92 24.34
N ALA A 422 3.15 9.36 23.96
CA ALA A 422 4.00 9.84 22.85
C ALA A 422 3.24 9.67 21.53
N ALA A 423 2.64 8.49 21.32
CA ALA A 423 1.75 8.18 20.18
C ALA A 423 0.70 9.28 20.09
N ASN A 424 0.00 9.58 21.19
CA ASN A 424 -1.14 10.52 21.13
C ASN A 424 -0.62 11.84 20.61
N ARG A 425 0.62 12.17 20.90
CA ARG A 425 1.13 13.50 20.54
C ARG A 425 1.28 13.51 19.00
N TYR A 426 1.87 12.47 18.43
CA TYR A 426 2.20 12.43 16.98
C TYR A 426 0.91 12.26 16.19
N LEU A 427 0.01 11.42 16.69
CA LEU A 427 -1.34 11.21 16.11
C LEU A 427 -2.04 12.56 16.03
N ASN A 428 -2.00 13.31 17.13
CA ASN A 428 -2.58 14.65 17.22
C ASN A 428 -1.94 15.55 16.18
N LEU A 429 -0.61 15.59 16.06
CA LEU A 429 0.05 16.46 15.03
C LEU A 429 -0.49 16.05 13.64
N THR A 430 -0.57 14.76 13.36
CA THR A 430 -1.02 14.19 12.07
C THR A 430 -2.47 14.61 11.78
N ARG A 431 -3.32 14.48 12.79
CA ARG A 431 -4.74 14.85 12.68
C ARG A 431 -4.88 16.35 12.48
N LYS A 432 -3.95 17.16 13.01
CA LYS A 432 -4.05 18.64 12.88
C LYS A 432 -3.72 19.03 11.44
N LEU A 433 -2.65 18.47 10.87
CA LEU A 433 -2.29 18.81 9.49
C LEU A 433 -3.44 18.37 8.56
N TYR A 434 -3.98 17.18 8.76
CA TYR A 434 -5.13 16.70 7.98
C TYR A 434 -6.27 17.71 8.11
N GLY A 435 -6.50 18.18 9.34
CA GLY A 435 -7.55 19.15 9.63
C GLY A 435 -7.34 20.41 8.84
N TYR A 436 -6.11 20.93 8.85
CA TYR A 436 -5.75 22.15 8.12
C TYR A 436 -5.94 21.97 6.62
N MET A 437 -5.74 20.75 6.12
CA MET A 437 -5.73 20.51 4.66
C MET A 437 -7.16 20.47 4.11
N THR A 438 -8.16 20.35 4.99
CA THR A 438 -9.59 20.08 4.65
C THR A 438 -10.07 20.88 3.43
N PRO A 439 -9.92 22.22 3.41
CA PRO A 439 -10.50 23.01 2.32
C PRO A 439 -9.81 22.75 0.99
N PHE A 440 -8.64 22.13 1.01
CA PHE A 440 -7.83 22.01 -0.21
C PHE A 440 -8.10 20.68 -0.87
N VAL A 441 -8.67 19.74 -0.13
CA VAL A 441 -8.72 18.33 -0.57
C VAL A 441 -10.18 18.02 -0.87
N SER A 442 -10.42 16.85 -1.47
CA SER A 442 -11.77 16.43 -1.92
C SER A 442 -12.71 16.44 -0.72
N LYS A 443 -13.98 16.63 -0.98
CA LYS A 443 -15.01 16.71 0.09
C LYS A 443 -16.28 16.10 -0.47
N ASN A 444 -17.17 15.65 0.41
CA ASN A 444 -18.55 15.20 0.04
C ASN A 444 -18.50 14.06 -0.97
N PRO A 445 -17.86 12.91 -0.65
CA PRO A 445 -17.06 12.74 0.56
C PRO A 445 -15.54 13.00 0.41
N ARG A 446 -14.87 13.07 1.56
CA ARG A 446 -13.40 13.22 1.66
C ARG A 446 -12.80 11.87 1.26
N GLN A 447 -12.21 11.83 0.09
CA GLN A 447 -11.69 10.59 -0.50
C GLN A 447 -10.49 10.12 0.29
N ALA A 448 -10.31 8.81 0.34
CA ALA A 448 -9.15 8.20 1.01
C ALA A 448 -8.67 7.04 0.15
N PHE A 449 -7.41 6.67 0.28
CA PHE A 449 -6.84 5.54 -0.47
C PHE A 449 -6.75 4.33 0.44
N PHE A 450 -7.39 3.23 0.04
CA PHE A 450 -7.54 2.04 0.89
C PHE A 450 -6.18 1.57 1.42
N ASN A 451 -5.16 1.55 0.58
CA ASN A 451 -3.80 1.04 0.92
C ASN A 451 -3.14 1.95 1.95
N TYR A 452 -3.57 3.19 2.07
CA TYR A 452 -3.12 4.13 3.12
C TYR A 452 -4.11 4.07 4.27
N ARG A 453 -4.30 2.87 4.79
CA ARG A 453 -5.43 2.57 5.69
C ARG A 453 -5.37 3.48 6.91
N ASP A 454 -6.53 4.04 7.28
CA ASP A 454 -6.65 5.05 8.37
C ASP A 454 -7.86 4.67 9.22
N ILE A 455 -7.69 4.08 10.43
CA ILE A 455 -8.87 3.65 11.25
C ILE A 455 -9.56 4.91 11.76
N ASP A 456 -8.95 6.08 11.66
CA ASP A 456 -9.67 7.32 12.05
C ASP A 456 -10.91 7.47 11.15
N LEU A 457 -10.97 6.82 9.99
CA LEU A 457 -12.11 6.99 9.03
C LEU A 457 -13.29 6.18 9.56
N GLY A 458 -13.03 5.28 10.50
CA GLY A 458 -14.10 4.52 11.13
C GLY A 458 -13.71 3.08 11.35
N ILE A 459 -14.39 2.47 12.31
CA ILE A 459 -14.18 1.08 12.81
C ILE A 459 -15.48 0.34 12.57
N ASN A 460 -15.38 -0.79 11.89
CA ASN A 460 -16.47 -1.77 11.74
C ASN A 460 -16.36 -2.74 12.92
N HIS A 461 -17.36 -2.79 13.80
CA HIS A 461 -17.39 -3.69 14.98
C HIS A 461 -18.00 -5.03 14.58
N ASN A 462 -18.63 -5.09 13.40
CA ASN A 462 -19.06 -6.34 12.72
C ASN A 462 -20.24 -6.96 13.49
N GLY A 463 -21.07 -6.14 14.14
CA GLY A 463 -22.34 -6.57 14.72
C GLY A 463 -23.52 -6.06 13.90
N LYS A 464 -24.60 -5.70 14.60
CA LYS A 464 -25.83 -5.12 14.04
C LYS A 464 -25.47 -3.89 13.19
N ALA A 465 -24.55 -3.03 13.67
CA ALA A 465 -24.30 -1.68 13.10
C ALA A 465 -23.32 -1.72 11.91
N SER A 466 -22.85 -2.91 11.53
CA SER A 466 -21.66 -3.07 10.64
C SER A 466 -21.85 -2.25 9.35
N PHE A 467 -22.99 -2.34 8.68
CA PHE A 467 -23.18 -1.69 7.36
C PHE A 467 -23.08 -0.17 7.56
N GLU A 468 -23.78 0.35 8.58
CA GLU A 468 -23.76 1.78 8.99
C GLU A 468 -22.30 2.21 9.28
N GLU A 469 -21.55 1.46 10.07
CA GLU A 469 -20.19 1.88 10.50
C GLU A 469 -19.26 1.82 9.28
N ALA A 470 -19.48 0.84 8.41
CA ALA A 470 -18.60 0.55 7.27
C ALA A 470 -18.76 1.67 6.23
N LYS A 471 -19.95 2.24 6.10
CA LYS A 471 -20.19 3.36 5.17
C LYS A 471 -19.21 4.50 5.47
N ALA A 472 -18.82 4.66 6.73
CA ALA A 472 -18.01 5.82 7.17
C ALA A 472 -16.63 5.79 6.50
N TYR A 473 -16.02 4.61 6.30
CA TYR A 473 -14.72 4.49 5.59
C TYR A 473 -14.93 4.01 4.16
N GLY A 474 -15.93 3.16 3.94
CA GLY A 474 -16.17 2.47 2.66
C GLY A 474 -16.47 3.45 1.54
N ILE A 475 -17.32 4.42 1.79
CA ILE A 475 -17.61 5.45 0.77
C ILE A 475 -16.37 6.31 0.53
N LYS A 476 -15.54 6.51 1.55
CA LYS A 476 -14.33 7.35 1.44
C LYS A 476 -13.30 6.59 0.58
N TYR A 477 -13.14 5.29 0.84
CA TYR A 477 -12.20 4.43 0.10
C TYR A 477 -12.68 4.12 -1.31
N PHE A 478 -13.97 3.81 -1.46
CA PHE A 478 -14.49 3.16 -2.68
C PHE A 478 -15.54 4.01 -3.38
N LEU A 479 -15.91 5.16 -2.83
CA LEU A 479 -16.92 6.06 -3.44
C LEU A 479 -18.12 5.19 -3.87
N GLY A 480 -18.55 5.29 -5.13
CA GLY A 480 -19.79 4.61 -5.57
C GLY A 480 -19.58 3.14 -5.85
N ASN A 481 -18.37 2.61 -5.72
CA ASN A 481 -18.07 1.18 -5.91
C ASN A 481 -18.39 0.42 -4.62
N PHE A 482 -18.57 1.13 -3.52
CA PHE A 482 -18.82 0.53 -2.19
C PHE A 482 -20.03 -0.41 -2.30
N ASN A 483 -21.07 -0.01 -3.05
CA ASN A 483 -22.34 -0.78 -3.19
C ASN A 483 -22.05 -2.10 -3.91
N ARG A 484 -21.23 -2.09 -4.94
CA ARG A 484 -20.91 -3.34 -5.64
C ARG A 484 -20.09 -4.20 -4.67
N LEU A 485 -19.09 -3.66 -4.00
CA LEU A 485 -18.34 -4.51 -3.05
C LEU A 485 -19.32 -5.18 -2.09
N VAL A 486 -20.30 -4.42 -1.61
CA VAL A 486 -21.19 -4.91 -0.54
C VAL A 486 -22.04 -6.03 -1.12
N LYS A 487 -22.53 -5.86 -2.35
CA LYS A 487 -23.34 -6.89 -3.03
C LYS A 487 -22.50 -8.17 -3.11
N ILE A 488 -21.24 -8.05 -3.50
CA ILE A 488 -20.39 -9.24 -3.78
C ILE A 488 -20.06 -9.90 -2.44
N LYS A 489 -19.77 -9.10 -1.42
CA LYS A 489 -19.48 -9.62 -0.06
C LYS A 489 -20.69 -10.43 0.43
N THR A 490 -21.90 -9.92 0.21
CA THR A 490 -23.11 -10.59 0.71
C THR A 490 -23.29 -11.94 0.01
N LYS A 491 -22.76 -12.08 -1.20
CA LYS A 491 -22.95 -13.32 -1.97
C LYS A 491 -21.83 -14.31 -1.67
N VAL A 492 -20.59 -13.83 -1.52
CA VAL A 492 -19.44 -14.76 -1.37
C VAL A 492 -19.16 -15.06 0.09
N ASP A 493 -19.60 -14.21 1.00
CA ASP A 493 -19.35 -14.41 2.45
C ASP A 493 -20.53 -13.83 3.23
N PRO A 494 -21.72 -14.45 3.19
CA PRO A 494 -22.89 -13.88 3.85
C PRO A 494 -22.76 -13.91 5.37
N GLY A 495 -21.93 -14.81 5.89
CA GLY A 495 -21.73 -14.93 7.35
C GLY A 495 -20.62 -14.03 7.84
N ASN A 496 -20.01 -13.26 6.95
CA ASN A 496 -18.96 -12.28 7.35
C ASN A 496 -17.85 -13.00 8.10
N PHE A 497 -17.40 -14.14 7.59
CA PHE A 497 -16.23 -14.81 8.22
C PHE A 497 -15.01 -13.93 7.97
N PHE A 498 -14.88 -13.45 6.74
CA PHE A 498 -13.71 -12.61 6.38
C PHE A 498 -13.97 -11.20 6.84
N ARG A 499 -13.56 -10.88 8.07
CA ARG A 499 -13.89 -9.56 8.62
C ARG A 499 -12.68 -8.93 9.29
N ASN A 500 -12.72 -7.61 9.43
CA ASN A 500 -11.65 -6.87 10.12
C ASN A 500 -12.24 -5.53 10.54
N GLU A 501 -11.42 -4.66 11.09
CA GLU A 501 -11.92 -3.37 11.62
C GLU A 501 -12.38 -2.45 10.48
N GLN A 502 -12.01 -2.74 9.24
CA GLN A 502 -12.49 -1.92 8.10
C GLN A 502 -12.91 -2.83 6.95
N SER A 503 -13.62 -3.91 7.27
CA SER A 503 -14.02 -4.92 6.24
C SER A 503 -15.28 -4.47 5.49
N ILE A 504 -15.50 -5.01 4.29
CA ILE A 504 -16.73 -4.71 3.53
C ILE A 504 -17.86 -5.44 4.24
N PRO A 505 -18.98 -4.79 4.58
CA PRO A 505 -20.02 -5.43 5.33
C PRO A 505 -21.01 -6.21 4.46
N VAL A 506 -21.83 -7.04 5.08
CA VAL A 506 -22.92 -7.72 4.31
C VAL A 506 -24.12 -6.79 4.33
N LEU A 507 -25.03 -6.93 3.37
CA LEU A 507 -26.23 -6.08 3.30
C LEU A 507 -27.14 -6.38 4.50
PA FAD B . -0.43 -6.90 5.53
O1A FAD B . -0.47 -6.06 6.79
O2A FAD B . 0.16 -8.27 5.62
O5B FAD B . -1.86 -6.98 4.85
C5B FAD B . -2.59 -5.75 4.58
C4B FAD B . -4.07 -6.01 4.53
O4B FAD B . -4.37 -6.94 3.46
C3B FAD B . -4.69 -6.66 5.79
O3B FAD B . -6.06 -6.31 5.90
C2B FAD B . -4.53 -8.15 5.47
O2B FAD B . -5.44 -8.96 6.16
C1B FAD B . -4.84 -8.16 3.97
N9A FAD B . -4.16 -9.25 3.31
C8A FAD B . -2.82 -9.53 3.35
N7A FAD B . -2.51 -10.60 2.68
C5A FAD B . -3.71 -11.05 2.18
C6A FAD B . -4.06 -12.16 1.40
N6A FAD B . -3.17 -13.06 0.99
N1A FAD B . -5.36 -12.33 1.09
C2A FAD B . -6.23 -11.42 1.50
N3A FAD B . -6.04 -10.34 2.25
C4A FAD B . -4.74 -10.22 2.55
N1 FAD B . 1.15 1.18 -0.89
C2 FAD B . 1.11 1.55 -2.19
O2 FAD B . 0.05 1.38 -2.87
N3 FAD B . 2.20 2.04 -2.82
C4 FAD B . 3.41 2.22 -2.17
O4 FAD B . 4.36 2.67 -2.78
C4X FAD B . 3.50 1.79 -0.80
N5 FAD B . 4.65 1.90 -0.14
C5X FAD B . 4.70 1.37 1.13
C6 FAD B . 5.91 1.40 1.83
C7 FAD B . 6.02 0.84 3.10
C7M FAD B . 7.34 0.87 3.84
C8 FAD B . 4.87 0.30 3.71
C8M FAD B . 4.95 -0.40 5.06
C9 FAD B . 3.66 0.34 3.06
C9A FAD B . 3.55 0.85 1.76
N10 FAD B . 2.34 0.86 1.07
C10 FAD B . 2.29 1.29 -0.24
C1' FAD B . 1.11 0.34 1.66
C2' FAD B . 0.85 -1.06 1.30
O2' FAD B . 0.44 -1.19 -0.07
C3' FAD B . -0.26 -1.54 2.22
O3' FAD B . 0.09 -1.37 3.59
C4' FAD B . -0.51 -3.01 1.99
O4' FAD B . -1.71 -3.36 2.62
C5' FAD B . 0.63 -3.85 2.53
O5' FAD B . 0.35 -5.22 2.24
P FAD B . 1.07 -6.35 3.13
O1P FAD B . 2.48 -5.97 3.28
O2P FAD B . 0.59 -7.60 2.49
O3P FAD B . 0.40 -6.00 4.54
C1 NAG C . 9.22 -6.35 20.86
C2 NAG C . 10.45 -5.80 20.13
C3 NAG C . 11.64 -6.62 20.59
C4 NAG C . 11.75 -6.60 22.12
C5 NAG C . 10.53 -7.34 22.64
C6 NAG C . 10.68 -7.70 24.14
C7 NAG C . 10.81 -5.06 17.74
C8 NAG C . 10.78 -5.57 16.34
N2 NAG C . 10.37 -5.93 18.66
O1 NAG C . 8.15 -5.47 20.47
O3 NAG C . 12.73 -6.06 19.91
O4 NAG C . 12.97 -7.20 22.61
O5 NAG C . 9.39 -6.52 22.30
O6 NAG C . 11.62 -8.79 24.37
O7 NAG C . 11.27 -3.95 17.94
CL CL D . 5.48 4.27 4.31
I IOD E . -23.91 -1.20 -8.02
I IOD F . -1.01 31.91 7.46
NA NA G . 5.50 18.61 -22.07
NA NA H . 4.06 -12.35 22.19
C1 GOL I . -0.14 13.98 -19.71
O1 GOL I . -1.05 12.93 -19.44
C2 GOL I . -0.32 14.53 -21.11
O2 GOL I . -0.17 13.47 -22.06
C3 GOL I . -1.66 15.21 -21.32
O3 GOL I . -2.70 14.28 -21.59
H11 GOL I . 0.79 13.64 -19.62
H12 GOL I . -0.26 14.71 -19.06
HO1 GOL I . -1.02 12.38 -20.07
H2 GOL I . 0.39 15.19 -21.28
HO2 GOL I . -0.91 13.38 -22.47
H31 GOL I . -1.58 15.84 -22.08
H32 GOL I . -1.88 15.74 -20.52
HO3 GOL I . -2.98 13.99 -20.84
C1 PEG J . -12.24 11.35 10.23
O1 PEG J . -13.11 10.65 9.29
C2 PEG J . -10.78 11.33 9.82
O2 PEG J . -9.95 11.46 10.97
C3 PEG J . -9.40 12.77 11.08
C4 PEG J . -8.79 12.93 12.33
O4 PEG J . -9.39 12.10 13.39
#